data_3DZG
#
_entry.id   3DZG
#
_cell.length_a   41.689
_cell.length_b   52.812
_cell.length_c   65.381
_cell.angle_alpha   106.06
_cell.angle_beta   91.95
_cell.angle_gamma   95.12
#
_symmetry.space_group_name_H-M   'P 1'
#
loop_
_entity.id
_entity.type
_entity.pdbx_description
1 polymer 'ADP-ribosyl cyclase 1'
2 non-polymer 2-deoxy-2-fluoro-5-O-phosphono-alpha-D-arabinofuranose
3 non-polymer NICOTINAMIDE
4 water water
#
_entity_poly.entity_id   1
_entity_poly.type   'polypeptide(L)'
_entity_poly.pdbx_seq_one_letter_code
;KREAEARWRQTWSGPGTTKRFPETVLARCVKYTEIHPEMRHVDCQSVWDAFKGAFISKHPCDITEEDYQPLMKLGTQTVP
CNKILLWSRIKDLAHQFTQVQRDMFTLEDTLLGYLADDLTWCGEFDTSKINYQSCPDWRKDCSNNPVSVFWKTVSRRFAE
AACDVVHVMLDGSRSKIFDKDSTFGSVEVHNLQPEKVQTLEAWVIHGGREDSRDLCQDPTIKELESIISKRNIQFSCKNI
YRPDKFLQCVKNPEDSSCTSEI
;
_entity_poly.pdbx_strand_id   A,B
#
# COMPACT_ATOMS: atom_id res chain seq x y z
N ARG A 7 -19.33 -34.25 -8.81
CA ARG A 7 -20.30 -33.23 -9.31
C ARG A 7 -19.79 -32.55 -10.58
N TRP A 8 -20.73 -32.11 -11.41
CA TRP A 8 -20.45 -31.74 -12.79
C TRP A 8 -20.17 -30.25 -13.03
N ARG A 9 -20.36 -29.42 -12.01
CA ARG A 9 -20.05 -27.97 -12.12
C ARG A 9 -19.64 -27.34 -10.79
N GLN A 10 -18.44 -26.77 -10.75
CA GLN A 10 -17.95 -26.22 -9.51
C GLN A 10 -18.32 -24.76 -9.33
N THR A 11 -18.20 -24.27 -8.10
CA THR A 11 -18.53 -22.90 -7.77
C THR A 11 -17.57 -21.93 -8.45
N TRP A 12 -16.28 -22.27 -8.39
CA TRP A 12 -15.25 -21.41 -8.87
C TRP A 12 -14.54 -22.04 -10.06
N SER A 13 -13.77 -21.21 -10.76
CA SER A 13 -13.09 -21.66 -11.97
C SER A 13 -11.69 -22.23 -11.77
N GLY A 14 -11.11 -22.03 -10.59
CA GLY A 14 -9.78 -22.57 -10.29
C GLY A 14 -9.82 -23.92 -9.57
N PRO A 15 -8.67 -24.63 -9.55
CA PRO A 15 -8.51 -25.85 -8.71
C PRO A 15 -8.83 -25.61 -7.24
N GLY A 16 -9.39 -26.63 -6.61
CA GLY A 16 -9.70 -26.58 -5.18
C GLY A 16 -8.47 -26.75 -4.32
N THR A 17 -8.67 -26.66 -3.01
CA THR A 17 -7.59 -26.78 -2.03
C THR A 17 -6.80 -28.07 -2.20
N THR A 18 -5.47 -27.95 -2.10
CA THR A 18 -4.58 -29.11 -2.18
C THR A 18 -4.98 -30.16 -1.17
N LYS A 19 -5.03 -31.41 -1.61
CA LYS A 19 -5.45 -32.50 -0.73
C LYS A 19 -4.56 -32.52 0.53
N ARG A 20 -5.18 -32.78 1.68
CA ARG A 20 -4.49 -32.80 2.98
C ARG A 20 -3.72 -31.51 3.27
N PHE A 21 -4.30 -30.38 2.86
CA PHE A 21 -3.64 -29.11 3.06
C PHE A 21 -3.20 -28.82 4.52
N PRO A 22 -4.07 -29.03 5.50
CA PRO A 22 -3.69 -28.75 6.88
C PRO A 22 -2.49 -29.56 7.32
N GLU A 23 -2.49 -30.86 6.98
CA GLU A 23 -1.42 -31.78 7.34
C GLU A 23 -0.12 -31.40 6.64
N THR A 24 -0.24 -31.00 5.37
CA THR A 24 0.92 -30.66 4.54
C THR A 24 1.59 -29.42 5.08
N VAL A 25 0.78 -28.41 5.40
CA VAL A 25 1.31 -27.15 5.90
C VAL A 25 1.97 -27.36 7.30
N LEU A 26 1.32 -28.13 8.17
CA LEU A 26 1.88 -28.42 9.49
C LEU A 26 3.19 -29.14 9.33
N ALA A 27 3.22 -30.15 8.47
CA ALA A 27 4.41 -30.94 8.23
C ALA A 27 5.55 -30.11 7.70
N ARG A 28 5.24 -29.25 6.72
CA ARG A 28 6.28 -28.37 6.15
C ARG A 28 6.83 -27.48 7.24
N CYS A 29 5.95 -27.04 8.14
CA CYS A 29 6.41 -26.21 9.24
C CYS A 29 7.35 -27.00 10.20
N VAL A 30 7.02 -28.25 10.61
CA VAL A 30 7.99 -29.09 11.43
C VAL A 30 9.33 -29.15 10.68
N LYS A 31 9.24 -29.77 9.45
CA LYS A 31 10.49 -29.89 8.65
C LYS A 31 11.33 -28.58 8.57
N TYR A 32 10.69 -27.45 8.29
CA TYR A 32 11.43 -26.18 8.09
C TYR A 32 12.10 -25.74 9.40
N THR A 33 11.36 -25.83 10.49
CA THR A 33 11.85 -25.42 11.80
C THR A 33 12.90 -26.39 12.40
N GLU A 34 12.89 -27.67 11.98
CA GLU A 34 13.95 -28.64 12.35
C GLU A 34 15.24 -28.28 11.63
N ILE A 35 15.10 -27.87 10.37
CA ILE A 35 16.30 -27.60 9.54
C ILE A 35 16.93 -26.24 9.83
N HIS A 36 16.10 -25.21 9.96
CA HIS A 36 16.60 -23.85 10.07
C HIS A 36 16.62 -23.38 11.52
N PRO A 37 17.82 -23.28 12.12
CA PRO A 37 17.91 -23.05 13.55
C PRO A 37 17.28 -21.74 14.00
N GLU A 38 17.27 -20.73 13.14
CA GLU A 38 16.73 -19.42 13.52
C GLU A 38 15.22 -19.50 13.73
N MET A 39 14.61 -20.57 13.22
CA MET A 39 13.17 -20.78 13.32
C MET A 39 12.81 -21.98 14.19
N ARG A 40 13.82 -22.54 14.86
CA ARG A 40 13.69 -23.73 15.71
C ARG A 40 12.64 -23.64 16.79
N HIS A 41 12.29 -22.41 17.16
CA HIS A 41 11.41 -22.17 18.29
C HIS A 41 9.98 -21.98 17.84
N VAL A 42 9.77 -21.67 16.56
CA VAL A 42 8.41 -21.46 16.03
C VAL A 42 7.48 -22.59 16.46
N ASP A 43 6.27 -22.23 16.90
CA ASP A 43 5.30 -23.27 17.23
C ASP A 43 4.43 -23.52 16.03
N CYS A 44 4.55 -24.71 15.47
CA CYS A 44 3.86 -24.98 14.21
C CYS A 44 2.34 -25.11 14.35
N GLN A 45 1.84 -25.48 15.53
CA GLN A 45 0.40 -25.41 15.73
C GLN A 45 -0.12 -23.96 15.59
N SER A 46 0.62 -23.00 16.12
CA SER A 46 0.24 -21.60 16.11
C SER A 46 0.28 -21.09 14.68
N VAL A 47 1.33 -21.47 13.95
CA VAL A 47 1.45 -21.09 12.53
C VAL A 47 0.25 -21.61 11.74
N TRP A 48 -0.09 -22.89 11.91
CA TRP A 48 -1.25 -23.41 11.19
C TRP A 48 -2.54 -22.67 11.57
N ASP A 49 -2.73 -22.42 12.85
CA ASP A 49 -3.94 -21.72 13.34
C ASP A 49 -4.06 -20.32 12.74
N ALA A 50 -2.93 -19.62 12.66
CA ALA A 50 -2.91 -18.28 12.09
C ALA A 50 -3.15 -18.35 10.59
N PHE A 51 -2.61 -19.38 9.93
CA PHE A 51 -2.78 -19.55 8.48
C PHE A 51 -4.26 -19.79 8.23
N LYS A 52 -4.83 -20.74 8.97
CA LYS A 52 -6.27 -21.04 8.90
C LYS A 52 -7.12 -19.83 9.09
N GLY A 53 -6.76 -19.04 10.10
CA GLY A 53 -7.56 -17.89 10.48
C GLY A 53 -7.65 -16.86 9.38
N ALA A 54 -6.65 -16.86 8.48
CA ALA A 54 -6.64 -15.92 7.37
C ALA A 54 -7.80 -16.14 6.41
N PHE A 55 -8.24 -17.38 6.24
CA PHE A 55 -9.21 -17.66 5.15
C PHE A 55 -10.42 -18.49 5.53
N ILE A 56 -10.35 -19.21 6.63
CA ILE A 56 -11.51 -20.04 7.01
C ILE A 56 -12.68 -19.15 7.39
N SER A 57 -13.87 -19.52 6.95
CA SER A 57 -15.09 -18.81 7.34
C SER A 57 -15.16 -17.42 6.71
N LYS A 58 -14.37 -17.21 5.67
CA LYS A 58 -14.29 -15.93 5.01
C LYS A 58 -14.61 -16.14 3.55
N HIS A 59 -15.29 -15.17 2.95
CA HIS A 59 -15.59 -15.29 1.53
C HIS A 59 -14.28 -15.23 0.76
N PRO A 60 -14.03 -16.22 -0.12
CA PRO A 60 -12.74 -16.34 -0.78
C PRO A 60 -12.51 -15.33 -1.89
N CYS A 61 -13.43 -14.41 -2.09
CA CYS A 61 -13.16 -13.23 -2.90
C CYS A 61 -13.09 -11.97 -2.07
N ASP A 62 -12.95 -12.12 -0.77
CA ASP A 62 -12.90 -10.95 0.10
C ASP A 62 -11.79 -11.03 1.11
N ILE A 63 -10.63 -11.53 0.67
CA ILE A 63 -9.48 -11.69 1.54
C ILE A 63 -8.63 -10.45 1.45
N THR A 64 -8.08 -10.05 2.57
CA THR A 64 -7.27 -8.85 2.62
C THR A 64 -5.90 -9.20 3.16
N GLU A 65 -4.96 -8.30 2.97
CA GLU A 65 -3.65 -8.49 3.57
C GLU A 65 -3.72 -8.57 5.10
N GLU A 66 -4.69 -7.85 5.70
CA GLU A 66 -4.86 -7.89 7.15
C GLU A 66 -5.18 -9.28 7.66
N ASP A 67 -5.88 -10.06 6.84
CA ASP A 67 -6.23 -11.43 7.22
C ASP A 67 -4.97 -12.26 7.52
N TYR A 68 -3.89 -11.98 6.81
CA TYR A 68 -2.66 -12.74 6.95
C TYR A 68 -1.68 -12.16 7.96
N GLN A 69 -2.07 -11.10 8.67
CA GLN A 69 -1.13 -10.42 9.55
C GLN A 69 -0.72 -11.30 10.73
N PRO A 70 -1.67 -12.00 11.35
CA PRO A 70 -1.24 -12.95 12.37
C PRO A 70 -0.21 -13.98 11.89
N LEU A 71 -0.39 -14.52 10.69
CA LEU A 71 0.58 -15.47 10.12
C LEU A 71 1.90 -14.79 9.83
N MET A 72 1.84 -13.57 9.27
CA MET A 72 3.06 -12.80 8.98
C MET A 72 3.87 -12.58 10.24
N LYS A 73 3.19 -12.23 11.33
CA LYS A 73 3.89 -11.99 12.59
C LYS A 73 4.59 -13.27 13.03
N LEU A 74 3.87 -14.40 13.05
CA LEU A 74 4.48 -15.66 13.47
C LEU A 74 5.62 -16.11 12.56
N GLY A 75 5.53 -15.77 11.28
CA GLY A 75 6.50 -16.14 10.26
C GLY A 75 7.60 -15.11 10.07
N THR A 76 7.66 -14.10 10.95
CA THR A 76 8.73 -13.08 10.94
C THR A 76 10.09 -13.75 10.89
N GLN A 77 10.92 -13.35 9.92
CA GLN A 77 12.18 -14.02 9.74
C GLN A 77 13.18 -13.09 9.06
N THR A 78 14.40 -13.07 9.59
CA THR A 78 15.48 -12.27 9.00
C THR A 78 16.06 -13.04 7.81
N VAL A 79 16.17 -12.37 6.67
CA VAL A 79 16.82 -12.94 5.49
C VAL A 79 18.05 -12.05 5.23
N PRO A 80 19.23 -12.63 4.93
CA PRO A 80 20.36 -11.76 4.63
C PRO A 80 19.99 -10.83 3.50
N CYS A 81 19.95 -9.54 3.80
CA CYS A 81 19.29 -8.61 2.87
C CYS A 81 19.99 -8.46 1.56
N ASN A 82 21.30 -8.72 1.53
CA ASN A 82 22.08 -8.52 0.31
C ASN A 82 22.20 -9.77 -0.54
N LYS A 83 21.45 -10.81 -0.21
CA LYS A 83 21.59 -12.09 -0.88
C LYS A 83 20.26 -12.58 -1.44
N ILE A 84 19.36 -11.65 -1.75
CA ILE A 84 18.05 -12.08 -2.23
C ILE A 84 18.07 -12.34 -3.72
N LEU A 85 17.42 -13.44 -4.10
CA LEU A 85 17.23 -13.79 -5.52
C LEU A 85 15.73 -13.83 -5.79
N LEU A 86 15.28 -12.86 -6.57
CA LEU A 86 13.90 -12.82 -7.03
C LEU A 86 13.88 -13.63 -8.32
N TRP A 87 12.68 -13.99 -8.75
CA TRP A 87 12.54 -14.77 -10.00
C TRP A 87 11.16 -14.44 -10.54
N SER A 88 11.00 -14.52 -11.87
CA SER A 88 9.67 -14.31 -12.42
C SER A 88 9.44 -15.44 -13.42
N ARG A 89 8.43 -16.24 -13.13
CA ARG A 89 8.05 -17.37 -14.04
C ARG A 89 9.20 -18.34 -14.40
N ILE A 90 10.16 -18.47 -13.51
CA ILE A 90 11.31 -19.38 -13.69
C ILE A 90 11.85 -19.87 -12.32
N LYS A 91 10.93 -20.42 -11.52
CA LYS A 91 11.31 -20.75 -10.14
C LYS A 91 12.24 -21.96 -10.04
N ASP A 92 12.11 -22.92 -10.96
CA ASP A 92 12.91 -24.14 -10.85
C ASP A 92 14.41 -23.90 -10.86
N LEU A 93 14.88 -23.09 -11.82
CA LEU A 93 16.31 -22.81 -11.91
C LEU A 93 16.73 -22.00 -10.69
N ALA A 94 15.92 -21.00 -10.31
CA ALA A 94 16.23 -20.21 -9.13
C ALA A 94 16.44 -21.12 -7.93
N HIS A 95 15.51 -22.04 -7.73
CA HIS A 95 15.65 -22.99 -6.63
C HIS A 95 16.85 -23.93 -6.73
N GLN A 96 17.08 -24.48 -7.91
CA GLN A 96 18.24 -25.33 -8.13
C GLN A 96 19.52 -24.58 -7.81
N PHE A 97 19.56 -23.30 -8.20
CA PHE A 97 20.75 -22.49 -7.98
C PHE A 97 21.00 -22.27 -6.48
N THR A 98 19.98 -21.83 -5.75
CA THR A 98 20.22 -21.53 -4.33
C THR A 98 20.52 -22.81 -3.55
N GLN A 99 20.02 -23.96 -4.03
CA GLN A 99 20.33 -25.22 -3.37
C GLN A 99 21.79 -25.68 -3.37
N VAL A 100 22.61 -25.16 -4.29
CA VAL A 100 23.98 -25.69 -4.42
C VAL A 100 24.85 -25.39 -3.18
N GLN A 101 24.86 -24.10 -2.84
CA GLN A 101 25.68 -23.63 -1.71
C GLN A 101 25.12 -22.40 -1.00
N ARG A 102 23.82 -22.13 -1.21
CA ARG A 102 23.08 -21.11 -0.52
C ARG A 102 23.72 -19.74 -0.76
N ASP A 103 24.10 -19.52 -2.01
CA ASP A 103 24.73 -18.26 -2.44
C ASP A 103 23.70 -17.15 -2.33
N MET A 104 22.44 -17.49 -2.59
CA MET A 104 21.32 -16.57 -2.46
C MET A 104 20.05 -17.23 -1.82
N PHE A 105 19.02 -16.43 -1.57
CA PHE A 105 17.80 -16.87 -0.90
C PHE A 105 16.65 -16.45 -1.79
N THR A 106 15.76 -17.39 -2.16
CA THR A 106 14.48 -17.00 -2.78
C THR A 106 13.38 -16.93 -1.74
N LEU A 107 12.19 -16.48 -2.14
CA LEU A 107 11.08 -16.40 -1.21
C LEU A 107 10.77 -17.78 -0.62
N GLU A 108 11.05 -18.84 -1.39
CA GLU A 108 10.67 -20.17 -0.95
C GLU A 108 11.72 -20.77 -0.01
N ASP A 109 12.80 -20.01 0.22
CA ASP A 109 13.81 -20.32 1.25
C ASP A 109 13.39 -19.81 2.60
N THR A 110 12.33 -19.00 2.66
CA THR A 110 11.80 -18.47 3.92
C THR A 110 10.70 -19.40 4.42
N LEU A 111 10.43 -19.40 5.73
CA LEU A 111 9.36 -20.28 6.27
C LEU A 111 8.07 -20.11 5.47
N LEU A 112 7.61 -18.88 5.29
CA LEU A 112 6.28 -18.71 4.71
C LEU A 112 6.23 -19.12 3.25
N GLY A 113 7.25 -18.81 2.47
CA GLY A 113 7.28 -19.23 1.07
C GLY A 113 7.35 -20.75 0.97
N TYR A 114 8.14 -21.38 1.86
CA TYR A 114 8.28 -22.82 1.89
C TYR A 114 6.94 -23.51 2.23
N LEU A 115 6.20 -22.93 3.16
CA LEU A 115 4.90 -23.49 3.56
C LEU A 115 3.93 -23.56 2.39
N ALA A 116 3.88 -22.50 1.58
CA ALA A 116 2.79 -22.33 0.58
C ALA A 116 3.16 -22.79 -0.81
N ASP A 117 4.46 -22.98 -1.08
CA ASP A 117 4.88 -23.21 -2.46
C ASP A 117 4.14 -24.40 -3.08
N ASP A 118 3.60 -24.19 -4.29
CA ASP A 118 2.88 -25.23 -5.04
C ASP A 118 1.52 -25.62 -4.45
N LEU A 119 1.06 -24.91 -3.43
CA LEU A 119 -0.22 -25.25 -2.79
C LEU A 119 -1.31 -24.26 -3.19
N THR A 120 -2.55 -24.72 -3.09
CA THR A 120 -3.76 -23.92 -3.33
C THR A 120 -4.66 -24.11 -2.14
N TRP A 121 -5.45 -23.08 -1.80
CA TRP A 121 -6.34 -23.22 -0.64
C TRP A 121 -7.39 -22.13 -0.66
N CYS A 122 -8.56 -22.49 -0.15
CA CYS A 122 -9.62 -21.51 0.06
C CYS A 122 -10.68 -22.08 0.99
N GLY A 123 -11.49 -21.21 1.57
CA GLY A 123 -12.60 -21.62 2.42
C GLY A 123 -13.88 -21.11 1.84
N GLU A 124 -14.88 -20.94 2.72
CA GLU A 124 -16.26 -20.65 2.32
C GLU A 124 -16.79 -19.60 3.27
N PHE A 125 -17.65 -18.70 2.79
CA PHE A 125 -18.22 -17.70 3.69
C PHE A 125 -19.13 -18.46 4.65
N ASP A 126 -19.05 -18.15 5.94
CA ASP A 126 -20.00 -18.70 6.92
C ASP A 126 -20.11 -20.24 7.06
N THR A 127 -19.17 -21.00 6.53
CA THR A 127 -18.90 -22.33 7.11
C THR A 127 -17.43 -22.37 7.41
N SER A 128 -16.98 -23.28 8.26
CA SER A 128 -15.56 -23.32 8.57
C SER A 128 -14.85 -24.37 7.76
N LYS A 129 -15.49 -24.88 6.71
CA LYS A 129 -14.86 -25.89 5.86
C LYS A 129 -13.82 -25.34 4.91
N ILE A 130 -12.82 -26.16 4.62
CA ILE A 130 -11.88 -25.92 3.53
C ILE A 130 -12.62 -26.37 2.26
N ASN A 131 -12.45 -25.62 1.15
CA ASN A 131 -13.10 -25.99 -0.11
C ASN A 131 -12.11 -26.79 -0.94
N TYR A 132 -12.31 -28.10 -0.99
CA TYR A 132 -11.41 -28.96 -1.74
C TYR A 132 -11.90 -29.15 -3.17
N GLN A 133 -13.01 -28.51 -3.54
CA GLN A 133 -13.62 -28.71 -4.87
C GLN A 133 -13.23 -27.66 -5.91
N SER A 134 -13.21 -26.39 -5.49
CA SER A 134 -12.72 -25.32 -6.34
C SER A 134 -12.33 -24.11 -5.49
N CYS A 135 -11.48 -23.25 -6.04
CA CYS A 135 -11.12 -21.97 -5.43
C CYS A 135 -11.11 -20.90 -6.51
N PRO A 136 -11.30 -19.63 -6.11
CA PRO A 136 -11.37 -18.62 -7.16
C PRO A 136 -10.14 -18.57 -8.08
N ASP A 137 -10.40 -18.42 -9.36
CA ASP A 137 -9.36 -18.12 -10.34
C ASP A 137 -9.10 -16.62 -10.31
N TRP A 138 -7.82 -16.23 -10.26
CA TRP A 138 -7.44 -14.82 -10.17
C TRP A 138 -8.05 -14.00 -11.31
N ARG A 139 -8.08 -14.57 -12.51
CA ARG A 139 -8.65 -13.90 -13.68
C ARG A 139 -10.18 -13.91 -13.75
N LYS A 140 -10.74 -15.12 -13.77
CA LYS A 140 -12.17 -15.30 -14.00
C LYS A 140 -13.05 -14.93 -12.83
N ASP A 141 -12.53 -15.11 -11.61
CA ASP A 141 -13.41 -14.95 -10.47
C ASP A 141 -13.08 -13.69 -9.68
N CYS A 142 -11.88 -13.62 -9.12
CA CYS A 142 -11.49 -12.50 -8.27
C CYS A 142 -10.04 -12.53 -7.92
N SER A 143 -9.45 -11.34 -7.82
CA SER A 143 -8.05 -11.21 -7.45
C SER A 143 -7.84 -11.34 -5.95
N ASN A 144 -8.85 -10.98 -5.14
CA ASN A 144 -8.70 -10.97 -3.69
C ASN A 144 -9.01 -12.34 -3.05
N ASN A 145 -8.35 -13.38 -3.57
CA ASN A 145 -8.57 -14.74 -3.10
C ASN A 145 -7.44 -15.17 -2.15
N PRO A 146 -7.66 -16.23 -1.37
CA PRO A 146 -6.70 -16.59 -0.35
C PRO A 146 -5.27 -16.77 -0.87
N VAL A 147 -5.13 -17.43 -1.99
CA VAL A 147 -3.78 -17.69 -2.52
C VAL A 147 -3.13 -16.42 -3.04
N SER A 148 -3.85 -15.67 -3.87
CA SER A 148 -3.24 -14.48 -4.47
C SER A 148 -2.87 -13.45 -3.43
N VAL A 149 -3.75 -13.28 -2.45
CA VAL A 149 -3.51 -12.28 -1.45
C VAL A 149 -2.29 -12.69 -0.58
N PHE A 150 -2.19 -13.97 -0.27
CA PHE A 150 -1.03 -14.47 0.49
C PHE A 150 0.25 -14.13 -0.24
N TRP A 151 0.32 -14.47 -1.52
CA TRP A 151 1.59 -14.27 -2.22
C TRP A 151 1.89 -12.78 -2.35
N LYS A 152 0.86 -11.95 -2.57
CA LYS A 152 1.13 -10.53 -2.71
C LYS A 152 1.70 -10.02 -1.39
N THR A 153 1.10 -10.46 -0.28
CA THR A 153 1.49 -9.93 1.03
C THR A 153 2.92 -10.32 1.40
N VAL A 154 3.22 -11.59 1.24
CA VAL A 154 4.57 -12.09 1.56
C VAL A 154 5.59 -11.56 0.56
N SER A 155 5.20 -11.37 -0.71
CA SER A 155 6.15 -10.89 -1.73
C SER A 155 6.56 -9.45 -1.45
N ARG A 156 5.60 -8.64 -1.04
CA ARG A 156 5.89 -7.23 -0.73
C ARG A 156 6.87 -7.16 0.43
N ARG A 157 6.64 -7.97 1.46
CA ARG A 157 7.53 -7.99 2.63
C ARG A 157 8.93 -8.44 2.22
N PHE A 158 9.00 -9.43 1.35
CA PHE A 158 10.31 -9.95 0.92
C PHE A 158 11.06 -8.90 0.13
N ALA A 159 10.37 -8.20 -0.77
CA ALA A 159 11.05 -7.15 -1.54
C ALA A 159 11.53 -6.04 -0.60
N GLU A 160 10.71 -5.68 0.37
CA GLU A 160 11.05 -4.64 1.36
C GLU A 160 12.29 -4.97 2.17
N ALA A 161 12.59 -6.25 2.24
CA ALA A 161 13.72 -6.73 3.08
C ALA A 161 15.04 -6.61 2.36
N ALA A 162 15.00 -6.45 1.05
CA ALA A 162 16.24 -6.49 0.24
C ALA A 162 17.10 -5.25 0.40
N CYS A 163 18.42 -5.43 0.27
CA CYS A 163 19.33 -4.31 0.25
C CYS A 163 20.45 -4.62 -0.73
N ASP A 164 21.29 -3.61 -0.95
CA ASP A 164 22.57 -3.73 -1.71
C ASP A 164 22.27 -4.17 -3.13
N VAL A 165 22.82 -5.29 -3.58
CA VAL A 165 22.49 -5.81 -4.90
C VAL A 165 21.44 -6.90 -4.78
N VAL A 166 20.33 -6.70 -5.51
CA VAL A 166 19.24 -7.69 -5.51
C VAL A 166 19.27 -8.30 -6.91
N HIS A 167 19.17 -9.63 -6.96
CA HIS A 167 19.19 -10.32 -8.28
C HIS A 167 17.81 -10.79 -8.64
N VAL A 168 17.54 -10.85 -9.96
CA VAL A 168 16.31 -11.47 -10.42
C VAL A 168 16.58 -12.35 -11.63
N MET A 169 16.05 -13.57 -11.58
CA MET A 169 16.08 -14.45 -12.76
C MET A 169 14.79 -14.24 -13.55
N LEU A 170 14.94 -13.97 -14.83
CA LEU A 170 13.81 -13.79 -15.74
C LEU A 170 13.85 -14.82 -16.84
N ASP A 171 12.65 -15.19 -17.29
CA ASP A 171 12.50 -16.21 -18.32
C ASP A 171 12.60 -15.63 -19.73
N GLY A 172 13.76 -15.80 -20.36
CA GLY A 172 14.04 -15.23 -21.66
C GLY A 172 13.37 -15.98 -22.78
N SER A 173 12.65 -17.06 -22.46
CA SER A 173 11.94 -17.81 -23.52
C SER A 173 10.50 -17.31 -23.64
N ARG A 174 10.12 -16.42 -22.72
CA ARG A 174 8.76 -15.89 -22.64
C ARG A 174 8.57 -14.68 -23.54
N SER A 175 7.32 -14.47 -23.97
CA SER A 175 6.93 -13.37 -24.82
C SER A 175 7.22 -12.00 -24.22
N LYS A 176 6.97 -11.89 -22.92
CA LYS A 176 7.34 -10.72 -22.14
C LYS A 176 8.34 -11.19 -21.09
N ILE A 177 9.63 -10.97 -21.35
CA ILE A 177 10.70 -11.42 -20.43
C ILE A 177 10.52 -10.72 -19.09
N PHE A 178 10.29 -9.42 -19.17
CA PHE A 178 9.80 -8.70 -17.99
C PHE A 178 8.34 -8.40 -18.23
N ASP A 179 7.51 -8.86 -17.29
CA ASP A 179 6.07 -8.73 -17.42
C ASP A 179 5.59 -7.84 -16.28
N LYS A 180 5.07 -6.65 -16.61
CA LYS A 180 4.61 -5.73 -15.54
C LYS A 180 3.45 -6.28 -14.71
N ASP A 181 2.74 -7.27 -15.24
CA ASP A 181 1.58 -7.87 -14.58
C ASP A 181 1.97 -9.04 -13.66
N SER A 182 3.23 -9.47 -13.72
CA SER A 182 3.72 -10.55 -12.82
C SER A 182 3.81 -10.04 -11.41
N THR A 183 3.96 -10.92 -10.43
CA THR A 183 4.22 -10.41 -9.06
C THR A 183 5.55 -9.67 -8.99
N PHE A 184 6.56 -10.17 -9.70
CA PHE A 184 7.81 -9.41 -9.72
C PHE A 184 7.59 -8.00 -10.22
N GLY A 185 6.85 -7.90 -11.34
CA GLY A 185 6.70 -6.64 -12.03
C GLY A 185 5.70 -5.71 -11.36
N SER A 186 4.69 -6.28 -10.72
CA SER A 186 3.62 -5.43 -10.14
C SER A 186 3.81 -5.10 -8.67
N VAL A 187 4.50 -5.98 -7.94
CA VAL A 187 4.67 -5.83 -6.52
C VAL A 187 6.13 -5.64 -6.20
N GLU A 188 6.98 -6.56 -6.62
CA GLU A 188 8.35 -6.54 -6.09
C GLU A 188 9.17 -5.36 -6.56
N VAL A 189 9.09 -5.02 -7.84
CA VAL A 189 9.85 -3.90 -8.39
C VAL A 189 9.52 -2.62 -7.62
N HIS A 190 8.29 -2.53 -7.16
CA HIS A 190 7.78 -1.30 -6.60
C HIS A 190 7.94 -1.22 -5.09
N ASN A 191 8.42 -2.33 -4.52
CA ASN A 191 8.64 -2.39 -3.08
C ASN A 191 10.07 -2.58 -2.64
N LEU A 192 11.01 -2.64 -3.58
CA LEU A 192 12.43 -2.51 -3.24
C LEU A 192 12.58 -1.11 -2.66
N GLN A 193 13.37 -0.98 -1.61
CA GLN A 193 13.51 0.32 -0.95
C GLN A 193 14.73 1.05 -1.48
N PRO A 194 14.53 2.13 -2.22
CA PRO A 194 15.67 2.79 -2.85
C PRO A 194 16.70 3.27 -1.86
N GLU A 195 16.31 3.51 -0.61
CA GLU A 195 17.28 3.92 0.40
C GLU A 195 18.34 2.83 0.68
N LYS A 196 17.96 1.57 0.44
CA LYS A 196 18.75 0.40 0.82
C LYS A 196 19.30 -0.36 -0.36
N VAL A 197 18.55 -0.39 -1.46
CA VAL A 197 18.89 -1.18 -2.64
C VAL A 197 19.72 -0.36 -3.60
N GLN A 198 20.95 -0.84 -3.85
CA GLN A 198 21.84 -0.15 -4.75
C GLN A 198 21.51 -0.48 -6.20
N THR A 199 21.34 -1.78 -6.47
CA THR A 199 21.25 -2.27 -7.84
C THR A 199 20.28 -3.42 -7.91
N LEU A 200 19.51 -3.47 -9.00
CA LEU A 200 18.79 -4.66 -9.34
C LEU A 200 19.51 -5.24 -10.54
N GLU A 201 19.97 -6.47 -10.40
CA GLU A 201 20.66 -7.16 -11.52
C GLU A 201 19.80 -8.31 -12.02
N ALA A 202 19.43 -8.22 -13.29
CA ALA A 202 18.63 -9.29 -13.90
C ALA A 202 19.53 -10.27 -14.59
N TRP A 203 19.18 -11.54 -14.44
CA TRP A 203 19.83 -12.61 -15.17
C TRP A 203 18.75 -13.13 -16.08
N VAL A 204 18.92 -12.90 -17.38
CA VAL A 204 17.92 -13.35 -18.35
C VAL A 204 18.29 -14.73 -18.83
N ILE A 205 17.45 -15.69 -18.45
CA ILE A 205 17.71 -17.08 -18.71
C ILE A 205 17.21 -17.47 -20.09
N HIS A 206 18.16 -17.84 -20.95
CA HIS A 206 17.79 -18.31 -22.28
C HIS A 206 17.08 -19.66 -22.26
N GLY A 207 16.15 -19.83 -23.19
CA GLY A 207 15.43 -21.10 -23.29
C GLY A 207 15.79 -21.77 -24.59
N GLY A 208 16.46 -20.99 -25.44
CA GLY A 208 16.79 -21.41 -26.79
C GLY A 208 18.20 -21.94 -26.83
N ARG A 209 18.31 -23.14 -27.39
CA ARG A 209 19.57 -23.83 -27.63
C ARG A 209 20.69 -22.89 -28.09
N GLU A 210 21.83 -22.97 -27.42
CA GLU A 210 23.11 -22.42 -27.90
C GLU A 210 23.14 -20.89 -28.11
N ASP A 211 23.48 -20.49 -29.33
CA ASP A 211 23.73 -19.10 -29.72
C ASP A 211 22.45 -18.35 -30.02
N SER A 212 22.25 -17.24 -29.33
CA SER A 212 21.05 -16.43 -29.43
C SER A 212 21.31 -14.93 -29.14
N ARG A 213 20.23 -14.18 -29.10
CA ARG A 213 20.26 -12.73 -29.02
C ARG A 213 20.84 -12.19 -27.72
N ASP A 214 21.21 -10.92 -27.70
CA ASP A 214 21.48 -10.27 -26.44
C ASP A 214 20.11 -9.84 -25.90
N LEU A 215 19.53 -10.67 -25.06
CA LEU A 215 18.18 -10.42 -24.54
C LEU A 215 18.13 -9.27 -23.51
N CYS A 216 19.29 -8.79 -23.09
CA CYS A 216 19.33 -7.60 -22.25
C CYS A 216 18.93 -6.35 -23.04
N GLN A 217 18.82 -6.49 -24.36
CA GLN A 217 18.34 -5.40 -25.23
C GLN A 217 16.85 -5.52 -25.55
N ASP A 218 16.17 -6.52 -24.98
CA ASP A 218 14.76 -6.72 -25.19
C ASP A 218 13.98 -5.48 -24.75
N PRO A 219 12.98 -5.04 -25.55
CA PRO A 219 12.18 -3.89 -25.13
C PRO A 219 11.63 -3.97 -23.72
N THR A 220 11.25 -5.17 -23.26
CA THR A 220 10.69 -5.29 -21.91
C THR A 220 11.78 -5.12 -20.84
N ILE A 221 13.00 -5.55 -21.17
CA ILE A 221 14.16 -5.32 -20.27
C ILE A 221 14.47 -3.81 -20.22
N LYS A 222 14.39 -3.12 -21.36
CA LYS A 222 14.60 -1.67 -21.35
C LYS A 222 13.52 -1.00 -20.50
N GLU A 223 12.32 -1.55 -20.52
CA GLU A 223 11.21 -1.01 -19.71
C GLU A 223 11.54 -1.19 -18.23
N LEU A 224 11.99 -2.38 -17.88
CA LEU A 224 12.36 -2.67 -16.49
C LEU A 224 13.49 -1.72 -16.08
N GLU A 225 14.48 -1.58 -16.93
CA GLU A 225 15.57 -0.65 -16.62
C GLU A 225 15.07 0.75 -16.34
N SER A 226 14.15 1.24 -17.19
CA SER A 226 13.59 2.56 -17.03
C SER A 226 12.84 2.71 -15.73
N ILE A 227 11.98 1.73 -15.42
CA ILE A 227 11.25 1.78 -14.15
C ILE A 227 12.20 1.81 -12.94
N ILE A 228 13.17 0.91 -12.92
CA ILE A 228 14.08 0.79 -11.77
C ILE A 228 14.90 2.08 -11.65
N SER A 229 15.40 2.56 -12.77
CA SER A 229 16.29 3.73 -12.80
C SER A 229 15.53 4.95 -12.29
N LYS A 230 14.23 5.02 -12.61
CA LYS A 230 13.41 6.15 -12.17
C LYS A 230 13.03 6.06 -10.70
N ARG A 231 13.34 4.92 -10.06
CA ARG A 231 13.15 4.80 -8.62
C ARG A 231 14.44 5.13 -7.89
N ASN A 232 15.50 5.47 -8.64
CA ASN A 232 16.83 5.78 -8.07
C ASN A 232 17.55 4.53 -7.60
N ILE A 233 17.36 3.46 -8.34
CA ILE A 233 18.08 2.19 -8.16
C ILE A 233 18.78 1.91 -9.48
N GLN A 234 20.02 1.40 -9.43
CA GLN A 234 20.76 1.11 -10.65
C GLN A 234 20.28 -0.21 -11.22
N PHE A 235 20.37 -0.35 -12.53
CA PHE A 235 20.00 -1.62 -13.16
C PHE A 235 21.18 -2.22 -13.92
N SER A 236 21.37 -3.54 -13.75
CA SER A 236 22.38 -4.30 -14.46
C SER A 236 21.64 -5.50 -15.09
N CYS A 237 22.17 -6.02 -16.19
CA CYS A 237 21.56 -7.21 -16.79
C CYS A 237 22.64 -8.09 -17.37
N LYS A 238 22.44 -9.40 -17.25
CA LYS A 238 23.34 -10.39 -17.84
C LYS A 238 22.51 -11.45 -18.51
N ASN A 239 23.02 -11.96 -19.63
CA ASN A 239 22.44 -13.13 -20.26
C ASN A 239 23.00 -14.37 -19.60
N ILE A 240 22.14 -15.35 -19.32
CA ILE A 240 22.62 -16.70 -19.06
C ILE A 240 22.20 -17.54 -20.24
N TYR A 241 23.16 -17.79 -21.12
CA TYR A 241 22.87 -18.42 -22.40
C TYR A 241 22.53 -19.90 -22.31
N ARG A 242 23.17 -20.60 -21.39
CA ARG A 242 23.02 -22.05 -21.19
C ARG A 242 22.88 -22.30 -19.71
N PRO A 243 21.63 -22.32 -19.21
CA PRO A 243 21.37 -22.57 -17.78
C PRO A 243 22.01 -23.88 -17.28
N ASP A 244 22.07 -24.90 -18.14
CA ASP A 244 22.73 -26.13 -17.70
C ASP A 244 24.22 -25.90 -17.39
N LYS A 245 24.89 -25.11 -18.23
CA LYS A 245 26.30 -24.81 -18.04
C LYS A 245 26.47 -23.94 -16.79
N PHE A 246 25.57 -22.98 -16.66
CA PHE A 246 25.54 -22.13 -15.47
C PHE A 246 25.51 -22.96 -14.20
N LEU A 247 24.56 -23.89 -14.10
CA LEU A 247 24.44 -24.65 -12.85
C LEU A 247 25.68 -25.51 -12.64
N GLN A 248 26.23 -26.05 -13.72
CA GLN A 248 27.44 -26.87 -13.63
C GLN A 248 28.57 -26.01 -13.07
N CYS A 249 28.63 -24.76 -13.50
CA CYS A 249 29.70 -23.88 -13.05
C CYS A 249 29.54 -23.47 -11.59
N VAL A 250 28.30 -23.37 -11.13
CA VAL A 250 28.03 -23.01 -9.73
C VAL A 250 28.48 -24.17 -8.85
N LYS A 251 28.22 -25.38 -9.33
CA LYS A 251 28.55 -26.59 -8.59
C LYS A 251 30.05 -26.88 -8.59
N ASN A 252 30.68 -26.63 -9.74
CA ASN A 252 32.07 -26.98 -9.96
C ASN A 252 32.72 -25.82 -10.70
N PRO A 253 33.04 -24.74 -9.96
CA PRO A 253 33.52 -23.47 -10.51
C PRO A 253 35.02 -23.50 -10.72
N GLU A 254 35.47 -23.09 -11.91
CA GLU A 254 36.88 -23.22 -12.32
C GLU A 254 37.12 -24.65 -12.80
N ASP A 255 36.34 -25.58 -12.26
CA ASP A 255 36.51 -26.99 -12.55
C ASP A 255 36.62 -27.20 -14.05
N SER A 256 35.69 -26.62 -14.78
CA SER A 256 35.72 -26.68 -16.24
C SER A 256 35.68 -25.30 -16.86
N SER A 257 35.73 -25.30 -18.21
CA SER A 257 35.33 -24.20 -19.11
C SER A 257 34.30 -23.18 -18.58
N CYS A 258 34.48 -22.76 -17.33
CA CYS A 258 33.58 -21.80 -16.73
C CYS A 258 34.19 -20.40 -16.78
N ARG B 7 -7.84 -0.28 -27.08
CA ARG B 7 -7.66 -1.46 -26.19
C ARG B 7 -8.77 -1.59 -25.12
N TRP B 8 -8.94 -2.83 -24.72
CA TRP B 8 -10.02 -3.24 -23.86
C TRP B 8 -9.61 -3.44 -22.41
N ARG B 9 -8.33 -3.20 -22.12
CA ARG B 9 -7.78 -3.38 -20.77
C ARG B 9 -7.57 -2.01 -20.15
N GLN B 10 -7.72 -1.94 -18.85
CA GLN B 10 -7.28 -0.76 -18.14
C GLN B 10 -6.12 -1.16 -17.28
N THR B 11 -5.22 -0.21 -17.10
CA THR B 11 -4.00 -0.44 -16.38
C THR B 11 -4.24 -0.73 -14.90
N TRP B 12 -5.20 0.00 -14.31
CA TRP B 12 -5.38 -0.02 -12.86
C TRP B 12 -6.81 -0.30 -12.45
N SER B 13 -7.00 -0.56 -11.16
CA SER B 13 -8.32 -0.91 -10.60
C SER B 13 -9.15 0.28 -10.14
N GLY B 14 -8.52 1.43 -9.85
CA GLY B 14 -9.23 2.57 -9.29
C GLY B 14 -9.69 3.52 -10.36
N PRO B 15 -10.54 4.47 -9.99
CA PRO B 15 -11.02 5.47 -10.92
C PRO B 15 -9.85 6.25 -11.53
N GLY B 16 -10.00 6.69 -12.78
CA GLY B 16 -8.95 7.47 -13.41
C GLY B 16 -8.98 8.94 -13.00
N THR B 17 -8.14 9.69 -13.68
CA THR B 17 -8.01 11.11 -13.36
C THR B 17 -9.36 11.78 -13.67
N THR B 18 -9.76 12.65 -12.76
CA THR B 18 -11.02 13.39 -12.94
C THR B 18 -10.99 14.17 -14.23
N LYS B 19 -12.11 14.15 -14.96
CA LYS B 19 -12.13 14.86 -16.23
C LYS B 19 -11.76 16.35 -16.05
N ARG B 20 -10.98 16.85 -17.00
CA ARG B 20 -10.54 18.26 -17.02
C ARG B 20 -9.75 18.62 -15.75
N PHE B 21 -9.01 17.66 -15.26
CA PHE B 21 -8.19 17.85 -14.04
C PHE B 21 -7.28 19.09 -14.11
N PRO B 22 -6.48 19.27 -15.19
CA PRO B 22 -5.61 20.45 -15.19
C PRO B 22 -6.39 21.74 -15.11
N GLU B 23 -7.45 21.85 -15.93
CA GLU B 23 -8.30 23.05 -15.88
C GLU B 23 -8.92 23.30 -14.50
N THR B 24 -9.36 22.22 -13.87
CA THR B 24 -10.00 22.30 -12.58
C THR B 24 -9.04 22.74 -11.49
N VAL B 25 -7.83 22.18 -11.48
CA VAL B 25 -6.83 22.57 -10.46
C VAL B 25 -6.45 24.03 -10.62
N LEU B 26 -6.20 24.46 -11.87
CA LEU B 26 -5.89 25.89 -12.11
C LEU B 26 -7.04 26.78 -11.68
N ALA B 27 -8.27 26.39 -12.03
CA ALA B 27 -9.44 27.21 -11.67
C ALA B 27 -9.63 27.30 -10.17
N ARG B 28 -9.38 26.18 -9.49
CA ARG B 28 -9.50 26.18 -8.04
C ARG B 28 -8.43 27.04 -7.41
N CYS B 29 -7.23 27.03 -7.99
CA CYS B 29 -6.17 27.88 -7.46
C CYS B 29 -6.57 29.36 -7.62
N VAL B 30 -7.05 29.71 -8.80
CA VAL B 30 -7.50 31.09 -9.05
C VAL B 30 -8.60 31.50 -8.07
N LYS B 31 -9.60 30.63 -7.89
CA LYS B 31 -10.71 30.91 -6.97
C LYS B 31 -10.26 31.02 -5.51
N TYR B 32 -9.37 30.12 -5.07
CA TYR B 32 -8.87 30.15 -3.71
C TYR B 32 -8.19 31.48 -3.40
N THR B 33 -7.37 31.95 -4.33
CA THR B 33 -6.62 33.19 -4.09
C THR B 33 -7.56 34.39 -4.16
N GLU B 34 -8.64 34.27 -4.93
CA GLU B 34 -9.65 35.37 -4.92
C GLU B 34 -10.33 35.49 -3.55
N ILE B 35 -10.73 34.35 -3.00
CA ILE B 35 -11.40 34.25 -1.70
C ILE B 35 -10.45 34.56 -0.57
N HIS B 36 -9.19 34.12 -0.69
CA HIS B 36 -8.21 34.23 0.38
C HIS B 36 -7.05 35.15 -0.03
N PRO B 37 -7.25 36.47 0.15
CA PRO B 37 -6.24 37.43 -0.31
C PRO B 37 -4.84 37.19 0.21
N GLU B 38 -4.72 36.56 1.38
CA GLU B 38 -3.40 36.32 1.97
C GLU B 38 -2.56 35.31 1.18
N MET B 39 -3.20 34.62 0.24
CA MET B 39 -2.48 33.64 -0.59
C MET B 39 -2.26 34.13 -2.01
N ARG B 40 -2.48 35.41 -2.25
CA ARG B 40 -2.38 35.93 -3.63
C ARG B 40 -0.94 36.06 -4.14
N HIS B 41 0.03 35.87 -3.25
CA HIS B 41 1.44 35.87 -3.64
C HIS B 41 1.77 34.62 -4.45
N VAL B 42 0.81 33.69 -4.50
CA VAL B 42 0.98 32.45 -5.24
C VAL B 42 0.77 32.68 -6.74
N ASP B 43 1.53 31.98 -7.58
CA ASP B 43 1.35 32.05 -9.02
C ASP B 43 0.65 30.76 -9.40
N CYS B 44 -0.62 30.86 -9.78
CA CYS B 44 -1.38 29.60 -9.96
C CYS B 44 -0.86 28.69 -11.07
N GLN B 45 -0.33 29.28 -12.14
CA GLN B 45 0.31 28.46 -13.19
C GLN B 45 1.52 27.70 -12.62
N SER B 46 2.33 28.36 -11.82
CA SER B 46 3.50 27.70 -11.23
C SER B 46 3.06 26.58 -10.27
N VAL B 47 1.97 26.82 -9.54
CA VAL B 47 1.40 25.82 -8.65
C VAL B 47 1.01 24.60 -9.47
N TRP B 48 0.27 24.82 -10.55
CA TRP B 48 -0.13 23.70 -11.41
C TRP B 48 1.10 22.98 -11.96
N ASP B 49 2.08 23.72 -12.42
CA ASP B 49 3.31 23.12 -12.96
C ASP B 49 4.00 22.25 -11.93
N ALA B 50 4.02 22.73 -10.69
CA ALA B 50 4.62 21.94 -9.63
C ALA B 50 3.82 20.67 -9.30
N PHE B 51 2.49 20.80 -9.32
CA PHE B 51 1.59 19.67 -9.05
C PHE B 51 1.79 18.61 -10.16
N LYS B 52 1.68 19.03 -11.41
CA LYS B 52 1.85 18.11 -12.54
C LYS B 52 3.24 17.45 -12.48
N GLY B 53 4.26 18.23 -12.10
CA GLY B 53 5.63 17.71 -12.07
C GLY B 53 5.84 16.60 -11.04
N ALA B 54 4.97 16.54 -10.03
CA ALA B 54 5.08 15.51 -8.98
C ALA B 54 4.77 14.13 -9.52
N PHE B 55 3.98 14.05 -10.59
CA PHE B 55 3.46 12.74 -10.99
C PHE B 55 3.51 12.45 -12.48
N ILE B 56 3.60 13.49 -13.33
CA ILE B 56 3.59 13.23 -14.74
C ILE B 56 4.87 12.47 -15.14
N SER B 57 4.70 11.49 -16.02
CA SER B 57 5.81 10.69 -16.54
C SER B 57 6.30 9.64 -15.54
N LYS B 58 5.80 9.68 -14.32
CA LYS B 58 6.32 8.79 -13.27
C LYS B 58 5.42 7.58 -13.15
N HIS B 59 6.04 6.45 -12.81
CA HIS B 59 5.21 5.27 -12.59
C HIS B 59 4.29 5.51 -11.39
N PRO B 60 2.99 5.30 -11.57
CA PRO B 60 2.11 5.74 -10.47
C PRO B 60 2.09 4.82 -9.24
N CYS B 61 3.01 3.87 -9.16
CA CYS B 61 3.23 3.15 -7.92
C CYS B 61 4.56 3.54 -7.23
N ASP B 62 5.26 4.51 -7.82
CA ASP B 62 6.61 4.86 -7.41
C ASP B 62 6.70 6.28 -6.92
N ILE B 63 5.56 6.87 -6.59
CA ILE B 63 5.56 8.29 -6.15
C ILE B 63 6.10 8.42 -4.75
N THR B 64 6.85 9.48 -4.50
CA THR B 64 7.45 9.69 -3.17
C THR B 64 7.01 11.02 -2.63
N GLU B 65 7.15 11.18 -1.32
CA GLU B 65 6.89 12.51 -0.71
C GLU B 65 7.78 13.59 -1.32
N GLU B 66 9.01 13.23 -1.65
CA GLU B 66 9.94 14.20 -2.27
C GLU B 66 9.41 14.68 -3.62
N ASP B 67 8.67 13.82 -4.34
CA ASP B 67 8.08 14.26 -5.61
C ASP B 67 7.16 15.48 -5.42
N TYR B 68 6.55 15.57 -4.24
CA TYR B 68 5.59 16.64 -3.98
C TYR B 68 6.23 17.84 -3.32
N GLN B 69 7.54 17.77 -3.05
CA GLN B 69 8.14 18.89 -2.31
C GLN B 69 8.03 20.23 -3.03
N PRO B 70 8.29 20.29 -4.35
CA PRO B 70 8.11 21.60 -5.02
C PRO B 70 6.71 22.22 -4.83
N LEU B 71 5.69 21.39 -4.94
CA LEU B 71 4.34 21.84 -4.67
C LEU B 71 4.15 22.27 -3.23
N MET B 72 4.68 21.48 -2.29
CA MET B 72 4.56 21.84 -0.89
C MET B 72 5.16 23.21 -0.63
N LYS B 73 6.30 23.47 -1.26
CA LYS B 73 7.00 24.74 -1.08
C LYS B 73 6.18 25.90 -1.64
N LEU B 74 5.63 25.73 -2.85
CA LEU B 74 4.82 26.80 -3.44
C LEU B 74 3.53 27.03 -2.65
N GLY B 75 2.99 25.95 -2.06
CA GLY B 75 1.74 26.02 -1.31
C GLY B 75 1.88 26.33 0.15
N THR B 76 3.09 26.67 0.60
CA THR B 76 3.32 27.05 1.99
C THR B 76 2.26 28.03 2.48
N GLN B 77 1.71 27.72 3.65
CA GLN B 77 0.61 28.50 4.21
C GLN B 77 0.54 28.22 5.69
N THR B 78 0.67 29.27 6.47
CA THR B 78 0.52 29.22 7.92
C THR B 78 -0.91 29.58 8.25
N VAL B 79 -1.70 28.60 8.70
CA VAL B 79 -3.00 28.92 9.28
C VAL B 79 -2.80 28.97 10.78
N PRO B 80 -3.62 29.75 11.50
CA PRO B 80 -3.38 29.85 12.94
C PRO B 80 -3.41 28.43 13.54
N CYS B 81 -2.32 28.05 14.19
CA CYS B 81 -2.15 26.62 14.56
C CYS B 81 -3.11 26.11 15.62
N ASN B 82 -3.70 27.05 16.38
CA ASN B 82 -4.67 26.76 17.44
C ASN B 82 -6.11 26.65 16.92
N LYS B 83 -6.28 26.69 15.59
CA LYS B 83 -7.62 26.68 14.97
C LYS B 83 -7.78 25.57 13.95
N ILE B 84 -7.22 24.41 14.25
CA ILE B 84 -7.26 23.31 13.31
C ILE B 84 -8.36 22.33 13.66
N LEU B 85 -9.11 21.94 12.62
CA LEU B 85 -10.16 20.95 12.75
C LEU B 85 -9.79 19.79 11.85
N LEU B 86 -9.37 18.69 12.48
CA LEU B 86 -9.13 17.45 11.76
C LEU B 86 -10.46 16.72 11.66
N TRP B 87 -10.52 15.70 10.82
CA TRP B 87 -11.74 14.92 10.71
C TRP B 87 -11.30 13.55 10.24
N SER B 88 -12.12 12.55 10.52
CA SER B 88 -11.83 11.21 10.02
C SER B 88 -13.12 10.62 9.47
N ARG B 89 -13.15 10.31 8.17
CA ARG B 89 -14.33 9.72 7.53
C ARG B 89 -15.66 10.47 7.77
N ILE B 90 -15.57 11.77 7.99
CA ILE B 90 -16.74 12.66 8.16
C ILE B 90 -16.41 14.08 7.70
N LYS B 91 -15.99 14.21 6.44
CA LYS B 91 -15.50 15.51 6.01
C LYS B 91 -16.59 16.51 5.72
N ASP B 92 -17.78 16.03 5.30
CA ASP B 92 -18.83 16.94 4.92
C ASP B 92 -19.25 17.88 6.05
N LEU B 93 -19.48 17.32 7.24
CA LEU B 93 -19.87 18.16 8.38
C LEU B 93 -18.73 19.07 8.81
N ALA B 94 -17.50 18.55 8.75
CA ALA B 94 -16.36 19.38 9.13
C ALA B 94 -16.27 20.60 8.21
N HIS B 95 -16.44 20.38 6.91
CA HIS B 95 -16.48 21.50 5.95
C HIS B 95 -17.63 22.47 6.19
N GLN B 96 -18.82 21.95 6.47
CA GLN B 96 -19.99 22.79 6.72
C GLN B 96 -19.71 23.63 7.96
N PHE B 97 -19.00 23.02 8.91
CA PHE B 97 -18.68 23.72 10.15
C PHE B 97 -17.74 24.90 9.88
N THR B 98 -16.61 24.67 9.20
CA THR B 98 -15.70 25.78 8.89
C THR B 98 -16.26 26.77 7.86
N GLN B 99 -17.33 26.37 7.15
CA GLN B 99 -18.09 27.27 6.29
C GLN B 99 -18.75 28.39 7.12
N VAL B 100 -18.98 28.10 8.39
CA VAL B 100 -19.65 29.01 9.32
C VAL B 100 -18.67 29.65 10.30
N GLN B 101 -17.92 28.79 10.99
CA GLN B 101 -16.89 29.19 11.94
C GLN B 101 -15.62 29.42 11.11
N ARG B 102 -15.58 30.56 10.42
CA ARG B 102 -14.56 30.79 9.39
C ARG B 102 -13.19 31.03 10.03
N ASP B 103 -13.20 30.96 11.35
CA ASP B 103 -12.03 31.09 12.20
C ASP B 103 -11.22 29.79 12.17
N MET B 104 -11.89 28.68 11.86
CA MET B 104 -11.25 27.37 11.93
C MET B 104 -11.03 26.77 10.57
N PHE B 105 -10.09 25.82 10.51
CA PHE B 105 -9.55 25.33 9.26
C PHE B 105 -9.49 23.81 9.25
N THR B 106 -10.09 23.19 8.24
CA THR B 106 -9.75 21.79 7.92
C THR B 106 -8.65 21.81 6.86
N LEU B 107 -8.12 20.64 6.52
CA LEU B 107 -7.06 20.58 5.53
C LEU B 107 -7.56 21.15 4.21
N GLU B 108 -8.84 20.94 3.91
CA GLU B 108 -9.37 21.38 2.63
C GLU B 108 -9.68 22.87 2.57
N ASP B 109 -9.46 23.58 3.69
CA ASP B 109 -9.56 25.04 3.77
C ASP B 109 -8.20 25.69 3.50
N THR B 110 -7.15 24.87 3.42
CA THR B 110 -5.82 25.32 2.96
C THR B 110 -5.76 25.25 1.43
N LEU B 111 -4.90 26.06 0.80
CA LEU B 111 -4.80 26.03 -0.66
C LEU B 111 -4.60 24.62 -1.17
N LEU B 112 -3.60 23.93 -0.63
CA LEU B 112 -3.29 22.60 -1.20
C LEU B 112 -4.43 21.61 -1.04
N GLY B 113 -5.08 21.60 0.13
CA GLY B 113 -6.20 20.67 0.33
C GLY B 113 -7.36 21.02 -0.59
N TYR B 114 -7.59 22.33 -0.74
CA TYR B 114 -8.68 22.84 -1.56
C TYR B 114 -8.49 22.43 -3.02
N LEU B 115 -7.24 22.51 -3.50
CA LEU B 115 -6.99 22.16 -4.91
C LEU B 115 -7.37 20.71 -5.16
N ALA B 116 -7.10 19.83 -4.19
CA ALA B 116 -7.13 18.37 -4.46
C ALA B 116 -8.42 17.66 -4.06
N ASP B 117 -9.20 18.29 -3.20
CA ASP B 117 -10.32 17.58 -2.60
C ASP B 117 -11.28 17.05 -3.65
N ASP B 118 -11.66 15.79 -3.48
CA ASP B 118 -12.58 15.06 -4.36
C ASP B 118 -12.02 14.78 -5.75
N LEU B 119 -10.74 15.04 -5.99
CA LEU B 119 -10.19 14.75 -7.31
C LEU B 119 -9.31 13.54 -7.27
N THR B 120 -9.16 12.93 -8.43
CA THR B 120 -8.22 11.81 -8.59
C THR B 120 -7.31 12.17 -9.74
N TRP B 121 -6.06 11.69 -9.70
CA TRP B 121 -5.10 11.98 -10.79
C TRP B 121 -3.99 10.94 -10.79
N CYS B 122 -3.49 10.64 -11.97
CA CYS B 122 -2.25 9.87 -12.10
C CYS B 122 -1.71 10.01 -13.51
N GLY B 123 -0.43 9.68 -13.68
CA GLY B 123 0.16 9.72 -15.00
C GLY B 123 0.49 8.31 -15.46
N GLU B 124 1.36 8.26 -16.43
CA GLU B 124 1.70 7.02 -17.07
C GLU B 124 3.17 7.03 -17.08
N PHE B 125 3.73 5.86 -16.86
CA PHE B 125 5.12 5.76 -16.83
C PHE B 125 5.71 6.14 -18.19
N ASP B 126 6.61 7.11 -18.17
CA ASP B 126 7.41 7.46 -19.35
C ASP B 126 6.61 7.92 -20.57
N THR B 127 5.44 8.48 -20.29
CA THR B 127 4.81 9.37 -21.26
C THR B 127 4.46 10.64 -20.53
N SER B 128 4.13 11.70 -21.26
CA SER B 128 3.70 12.93 -20.58
C SER B 128 2.20 12.97 -20.35
N LYS B 129 1.52 11.85 -20.61
CA LYS B 129 0.05 11.89 -20.58
C LYS B 129 -0.56 11.63 -19.22
N ILE B 130 -1.68 12.29 -18.97
CA ILE B 130 -2.48 12.02 -17.80
C ILE B 130 -3.36 10.83 -18.10
N ASN B 131 -3.53 9.95 -17.11
CA ASN B 131 -4.36 8.76 -17.29
C ASN B 131 -5.79 9.03 -16.85
N TYR B 132 -6.67 9.17 -17.82
CA TYR B 132 -8.04 9.50 -17.52
C TYR B 132 -8.92 8.25 -17.44
N GLN B 133 -8.33 7.06 -17.63
CA GLN B 133 -9.11 5.81 -17.66
C GLN B 133 -9.11 5.12 -16.32
N SER B 134 -7.93 5.04 -15.69
CA SER B 134 -7.83 4.35 -14.39
C SER B 134 -6.60 4.82 -13.67
N CYS B 135 -6.63 4.70 -12.34
CA CYS B 135 -5.46 5.05 -11.50
C CYS B 135 -5.35 3.98 -10.43
N PRO B 136 -4.16 3.81 -9.84
CA PRO B 136 -3.99 2.74 -8.83
C PRO B 136 -4.96 2.86 -7.65
N ASP B 137 -5.57 1.74 -7.28
CA ASP B 137 -6.31 1.65 -6.06
C ASP B 137 -5.30 1.38 -4.95
N TRP B 138 -5.39 2.15 -3.86
CA TRP B 138 -4.40 2.03 -2.78
C TRP B 138 -4.26 0.60 -2.24
N ARG B 139 -5.37 -0.14 -2.18
CA ARG B 139 -5.34 -1.48 -1.61
C ARG B 139 -5.07 -2.57 -2.64
N LYS B 140 -5.76 -2.49 -3.79
CA LYS B 140 -5.69 -3.52 -4.82
C LYS B 140 -4.44 -3.41 -5.71
N ASP B 141 -3.95 -2.19 -5.90
CA ASP B 141 -2.79 -1.98 -6.78
C ASP B 141 -1.57 -1.63 -5.97
N CYS B 142 -1.50 -0.41 -5.46
CA CYS B 142 -0.28 0.01 -4.77
C CYS B 142 -0.54 1.26 -3.98
N SER B 143 0.18 1.39 -2.87
CA SER B 143 -0.10 2.53 -1.99
C SER B 143 0.65 3.80 -2.32
N ASN B 144 1.81 3.68 -2.96
CA ASN B 144 2.57 4.90 -3.27
C ASN B 144 2.15 5.48 -4.61
N ASN B 145 0.86 5.85 -4.68
CA ASN B 145 0.29 6.39 -5.92
C ASN B 145 0.11 7.91 -5.78
N PRO B 146 -0.10 8.61 -6.90
CA PRO B 146 -0.07 10.06 -6.84
C PRO B 146 -1.07 10.63 -5.84
N VAL B 147 -2.28 10.06 -5.76
CA VAL B 147 -3.27 10.66 -4.85
C VAL B 147 -2.92 10.33 -3.41
N SER B 148 -2.62 9.06 -3.14
CA SER B 148 -2.36 8.67 -1.73
C SER B 148 -1.15 9.37 -1.17
N VAL B 149 -0.08 9.48 -1.95
CA VAL B 149 1.15 10.11 -1.47
C VAL B 149 0.91 11.58 -1.23
N PHE B 150 0.18 12.23 -2.15
CA PHE B 150 -0.17 13.64 -1.91
C PHE B 150 -0.86 13.79 -0.56
N TRP B 151 -1.91 13.03 -0.31
CA TRP B 151 -2.64 13.27 0.95
C TRP B 151 -1.80 12.91 2.17
N LYS B 152 -0.99 11.85 2.05
CA LYS B 152 -0.12 11.51 3.21
C LYS B 152 0.82 12.68 3.51
N THR B 153 1.38 13.28 2.46
CA THR B 153 2.40 14.32 2.66
C THR B 153 1.79 15.57 3.30
N VAL B 154 0.70 16.04 2.69
CA VAL B 154 0.04 17.27 3.19
C VAL B 154 -0.56 17.05 4.57
N SER B 155 -1.07 15.85 4.81
CA SER B 155 -1.66 15.51 6.12
C SER B 155 -0.63 15.52 7.23
N ARG B 156 0.56 14.96 6.97
CA ARG B 156 1.63 14.98 7.95
C ARG B 156 2.02 16.41 8.27
N ARG B 157 2.19 17.24 7.24
CA ARG B 157 2.57 18.64 7.44
C ARG B 157 1.53 19.40 8.24
N PHE B 158 0.26 19.16 7.93
CA PHE B 158 -0.86 19.81 8.60
C PHE B 158 -0.88 19.47 10.09
N ALA B 159 -0.71 18.20 10.40
CA ALA B 159 -0.72 17.76 11.81
C ALA B 159 0.51 18.30 12.56
N GLU B 160 1.65 18.29 11.89
CA GLU B 160 2.91 18.77 12.50
C GLU B 160 2.78 20.23 12.94
N ALA B 161 1.97 20.98 12.21
CA ALA B 161 1.87 22.43 12.43
C ALA B 161 0.84 22.80 13.52
N ALA B 162 0.01 21.84 13.92
CA ALA B 162 -1.11 22.14 14.82
C ALA B 162 -0.59 22.42 16.22
N CYS B 163 -1.34 23.21 16.97
CA CYS B 163 -0.91 23.56 18.31
C CYS B 163 -2.09 23.76 19.21
N ASP B 164 -1.81 23.85 20.51
CA ASP B 164 -2.80 24.13 21.55
C ASP B 164 -3.87 23.05 21.60
N VAL B 165 -5.12 23.42 21.32
CA VAL B 165 -6.20 22.45 21.30
C VAL B 165 -6.48 22.16 19.85
N VAL B 166 -6.33 20.90 19.51
CA VAL B 166 -6.64 20.43 18.16
C VAL B 166 -7.95 19.69 18.25
N HIS B 167 -8.88 20.00 17.35
CA HIS B 167 -10.18 19.33 17.37
C HIS B 167 -10.21 18.32 16.25
N VAL B 168 -10.88 17.20 16.49
CA VAL B 168 -11.14 16.22 15.47
C VAL B 168 -12.60 15.79 15.45
N MET B 169 -13.22 15.85 14.28
CA MET B 169 -14.60 15.36 14.15
C MET B 169 -14.54 13.89 13.73
N LEU B 170 -15.25 13.04 14.46
CA LEU B 170 -15.26 11.61 14.21
C LEU B 170 -16.67 11.13 13.92
N ASP B 171 -16.80 10.09 13.11
CA ASP B 171 -18.12 9.59 12.72
C ASP B 171 -18.62 8.50 13.66
N GLY B 172 -19.53 8.89 14.55
CA GLY B 172 -20.04 7.99 15.58
C GLY B 172 -20.97 6.90 15.10
N SER B 173 -21.34 6.94 13.81
CA SER B 173 -22.19 5.91 13.20
C SER B 173 -21.37 4.81 12.53
N ARG B 174 -20.05 4.87 12.68
CA ARG B 174 -19.13 3.88 12.11
C ARG B 174 -18.79 2.79 13.11
N SER B 175 -18.54 1.58 12.61
CA SER B 175 -18.13 0.46 13.44
C SER B 175 -16.81 0.74 14.17
N LYS B 176 -15.93 1.49 13.52
CA LYS B 176 -14.71 2.00 14.14
C LYS B 176 -14.78 3.53 14.08
N ILE B 177 -15.22 4.14 15.18
CA ILE B 177 -15.32 5.60 15.26
C ILE B 177 -13.94 6.22 15.12
N PHE B 178 -12.99 5.70 15.89
CA PHE B 178 -11.59 5.94 15.61
C PHE B 178 -11.00 4.71 14.93
N ASP B 179 -10.37 4.97 13.79
CA ASP B 179 -9.73 3.95 13.00
C ASP B 179 -8.23 4.20 12.98
N LYS B 180 -7.49 3.33 13.66
CA LYS B 180 -6.04 3.41 13.77
C LYS B 180 -5.36 3.48 12.41
N ASP B 181 -6.02 2.90 11.41
CA ASP B 181 -5.48 2.74 10.06
C ASP B 181 -5.90 3.85 9.09
N SER B 182 -6.75 4.77 9.56
CA SER B 182 -7.12 5.89 8.70
C SER B 182 -5.94 6.85 8.61
N THR B 183 -6.03 7.87 7.76
CA THR B 183 -4.98 8.88 7.75
C THR B 183 -4.90 9.62 9.07
N PHE B 184 -6.06 9.98 9.63
CA PHE B 184 -6.05 10.55 10.99
C PHE B 184 -5.30 9.64 11.96
N GLY B 185 -5.65 8.34 11.93
CA GLY B 185 -5.07 7.35 12.86
C GLY B 185 -3.60 7.03 12.65
N SER B 186 -3.19 6.94 11.39
CA SER B 186 -1.85 6.41 11.06
C SER B 186 -0.81 7.48 10.75
N VAL B 187 -1.27 8.67 10.38
CA VAL B 187 -0.39 9.75 9.99
C VAL B 187 -0.51 10.95 10.94
N GLU B 188 -1.74 11.37 11.24
CA GLU B 188 -1.93 12.62 11.98
C GLU B 188 -1.70 12.56 13.47
N VAL B 189 -2.27 11.57 14.13
CA VAL B 189 -2.10 11.40 15.59
C VAL B 189 -0.62 11.44 15.99
N HIS B 190 0.21 10.66 15.30
CA HIS B 190 1.62 10.51 15.70
C HIS B 190 2.48 11.70 15.28
N ASN B 191 1.87 12.66 14.58
CA ASN B 191 2.55 13.88 14.20
C ASN B 191 2.05 15.10 14.95
N LEU B 192 1.12 14.85 15.86
CA LEU B 192 0.77 15.85 16.85
C LEU B 192 1.90 15.95 17.86
N GLN B 193 2.52 17.12 17.93
CA GLN B 193 3.70 17.33 18.75
C GLN B 193 3.36 17.84 20.16
N PRO B 194 3.74 17.08 21.20
CA PRO B 194 3.47 17.48 22.59
C PRO B 194 4.02 18.84 22.99
N GLU B 195 5.06 19.33 22.31
CA GLU B 195 5.62 20.66 22.61
C GLU B 195 4.71 21.78 22.11
N LYS B 196 3.79 21.45 21.19
CA LYS B 196 2.88 22.42 20.58
C LYS B 196 1.46 22.18 21.03
N VAL B 197 1.08 20.91 21.06
CA VAL B 197 -0.30 20.49 21.31
C VAL B 197 -0.48 20.10 22.77
N GLN B 198 -1.46 20.73 23.42
CA GLN B 198 -1.82 20.35 24.78
C GLN B 198 -2.97 19.36 24.85
N THR B 199 -3.89 19.45 23.90
CA THR B 199 -5.12 18.68 23.97
C THR B 199 -5.60 18.32 22.60
N LEU B 200 -5.95 17.05 22.42
CA LEU B 200 -6.80 16.65 21.32
C LEU B 200 -8.21 16.48 21.84
N GLU B 201 -9.14 17.18 21.22
CA GLU B 201 -10.55 17.09 21.59
C GLU B 201 -11.34 16.51 20.45
N ALA B 202 -11.89 15.33 20.67
CA ALA B 202 -12.72 14.70 19.66
C ALA B 202 -14.14 15.18 19.82
N TRP B 203 -14.76 15.47 18.69
CA TRP B 203 -16.20 15.68 18.62
C TRP B 203 -16.79 14.49 17.90
N VAL B 204 -17.42 13.60 18.67
CA VAL B 204 -18.03 12.41 18.11
C VAL B 204 -19.45 12.72 17.63
N ILE B 205 -19.59 12.74 16.32
CA ILE B 205 -20.86 13.04 15.66
C ILE B 205 -21.79 11.83 15.64
N HIS B 206 -22.93 11.95 16.31
CA HIS B 206 -23.99 10.95 16.28
C HIS B 206 -24.77 11.01 14.96
N GLY B 207 -25.12 9.84 14.41
CA GLY B 207 -25.85 9.79 13.15
C GLY B 207 -26.94 8.74 13.08
N GLY B 208 -27.46 8.36 14.25
CA GLY B 208 -28.45 7.29 14.34
C GLY B 208 -29.79 7.74 14.88
N ARG B 209 -30.85 7.06 14.43
CA ARG B 209 -32.21 7.35 14.85
C ARG B 209 -32.35 7.49 16.37
N GLU B 210 -33.24 8.37 16.79
CA GLU B 210 -33.60 8.57 18.21
C GLU B 210 -32.41 9.00 19.09
N ASP B 211 -32.64 9.04 20.40
CA ASP B 211 -31.59 9.31 21.39
C ASP B 211 -30.49 8.26 21.33
N SER B 212 -29.28 8.62 21.74
CA SER B 212 -28.18 7.66 21.71
C SER B 212 -27.33 7.60 23.00
N ARG B 213 -26.20 6.87 22.86
CA ARG B 213 -25.27 6.57 23.96
C ARG B 213 -24.14 7.59 24.03
N ASP B 214 -23.34 7.49 25.09
CA ASP B 214 -22.12 8.28 25.26
C ASP B 214 -21.01 7.61 24.48
N LEU B 215 -20.85 8.05 23.24
CA LEU B 215 -19.91 7.42 22.31
C LEU B 215 -18.46 7.75 22.66
N CYS B 216 -18.26 8.65 23.60
CA CYS B 216 -16.92 8.92 24.11
C CYS B 216 -16.40 7.75 24.95
N GLN B 217 -17.28 6.81 25.26
CA GLN B 217 -16.89 5.63 26.03
C GLN B 217 -16.60 4.44 25.12
N ASP B 218 -16.73 4.65 23.81
CA ASP B 218 -16.51 3.60 22.82
C ASP B 218 -15.08 3.07 22.87
N PRO B 219 -14.91 1.74 22.79
CA PRO B 219 -13.58 1.15 22.89
C PRO B 219 -12.55 1.73 21.91
N THR B 220 -12.97 2.12 20.71
CA THR B 220 -12.03 2.76 19.77
C THR B 220 -11.65 4.17 20.24
N ILE B 221 -12.58 4.83 20.95
CA ILE B 221 -12.30 6.13 21.57
C ILE B 221 -11.33 5.95 22.73
N LYS B 222 -11.49 4.89 23.50
CA LYS B 222 -10.53 4.58 24.56
C LYS B 222 -9.14 4.28 24.01
N GLU B 223 -9.07 3.61 22.85
CA GLU B 223 -7.81 3.38 22.15
C GLU B 223 -7.17 4.70 21.73
N LEU B 224 -7.94 5.59 21.11
CA LEU B 224 -7.43 6.90 20.73
C LEU B 224 -6.91 7.66 21.94
N GLU B 225 -7.74 7.75 22.97
CA GLU B 225 -7.34 8.36 24.24
C GLU B 225 -6.04 7.76 24.77
N SER B 226 -5.93 6.44 24.72
CA SER B 226 -4.71 5.77 25.17
C SER B 226 -3.51 6.25 24.35
N ILE B 227 -3.72 6.34 23.04
CA ILE B 227 -2.64 6.74 22.13
C ILE B 227 -2.11 8.15 22.40
N ILE B 228 -2.98 9.16 22.39
CA ILE B 228 -2.51 10.53 22.59
C ILE B 228 -2.02 10.77 24.03
N SER B 229 -2.57 10.05 24.99
CA SER B 229 -2.09 10.10 26.38
C SER B 229 -0.62 9.72 26.47
N LYS B 230 -0.24 8.62 25.82
CA LYS B 230 1.14 8.15 25.83
C LYS B 230 2.08 9.12 25.08
N ARG B 231 1.50 9.95 24.22
CA ARG B 231 2.19 11.06 23.54
C ARG B 231 2.38 12.30 24.41
N ASN B 232 1.86 12.27 25.64
CA ASN B 232 1.90 13.39 26.57
C ASN B 232 0.98 14.53 26.13
N ILE B 233 -0.15 14.17 25.53
CA ILE B 233 -1.18 15.12 25.11
C ILE B 233 -2.45 14.77 25.86
N GLN B 234 -3.16 15.79 26.33
CA GLN B 234 -4.43 15.58 27.03
C GLN B 234 -5.49 15.16 26.03
N PHE B 235 -6.39 14.26 26.43
CA PHE B 235 -7.51 13.91 25.55
C PHE B 235 -8.82 14.38 26.10
N SER B 236 -9.62 14.98 25.23
CA SER B 236 -10.97 15.40 25.57
C SER B 236 -11.92 14.81 24.55
N CYS B 237 -13.15 14.54 24.96
CA CYS B 237 -14.13 14.01 24.03
C CYS B 237 -15.51 14.58 24.30
N LYS B 238 -16.20 14.94 23.23
CA LYS B 238 -17.54 15.50 23.31
C LYS B 238 -18.48 14.78 22.38
N ASN B 239 -19.68 14.48 22.86
CA ASN B 239 -20.72 13.97 21.98
C ASN B 239 -21.39 15.15 21.28
N ILE B 240 -21.58 15.02 19.96
CA ILE B 240 -22.52 15.87 19.24
C ILE B 240 -23.72 15.00 18.83
N TYR B 241 -24.80 15.12 19.58
CA TYR B 241 -25.96 14.26 19.39
C TYR B 241 -26.80 14.62 18.16
N ARG B 242 -26.93 15.92 17.89
CA ARG B 242 -27.75 16.41 16.78
C ARG B 242 -26.96 17.34 15.84
N PRO B 243 -26.23 16.77 14.87
CA PRO B 243 -25.42 17.52 13.89
C PRO B 243 -26.15 18.72 13.27
N ASP B 244 -27.41 18.51 12.92
CA ASP B 244 -28.27 19.53 12.33
C ASP B 244 -28.44 20.74 13.26
N LYS B 245 -28.74 20.46 14.52
CA LYS B 245 -28.89 21.50 15.55
C LYS B 245 -27.54 22.16 15.87
N PHE B 246 -26.50 21.34 15.98
CA PHE B 246 -25.15 21.80 16.22
C PHE B 246 -24.79 22.89 15.20
N LEU B 247 -24.97 22.58 13.91
CA LEU B 247 -24.66 23.52 12.84
C LEU B 247 -25.46 24.81 12.88
N GLN B 248 -26.74 24.70 13.23
CA GLN B 248 -27.59 25.89 13.32
C GLN B 248 -27.15 26.77 14.49
N CYS B 249 -26.70 26.13 15.57
CA CYS B 249 -26.18 26.83 16.73
C CYS B 249 -24.89 27.54 16.39
N VAL B 250 -24.05 26.88 15.59
CA VAL B 250 -22.81 27.49 15.12
C VAL B 250 -23.13 28.69 14.23
N LYS B 251 -24.17 28.55 13.41
CA LYS B 251 -24.61 29.60 12.50
C LYS B 251 -25.21 30.76 13.27
N ASN B 252 -26.05 30.44 14.25
CA ASN B 252 -26.77 31.44 15.05
C ASN B 252 -26.39 31.34 16.53
N PRO B 253 -25.22 31.92 16.90
CA PRO B 253 -24.54 31.76 18.18
C PRO B 253 -25.37 31.18 19.34
N GLU B 254 -25.96 32.05 20.15
CA GLU B 254 -26.70 31.64 21.35
C GLU B 254 -28.22 31.84 21.23
N ASP B 255 -28.67 32.17 20.02
CA ASP B 255 -30.10 32.23 19.72
C ASP B 255 -30.60 30.82 19.40
N SER B 256 -31.74 30.72 18.71
CA SER B 256 -32.38 29.43 18.37
C SER B 256 -32.24 28.36 19.47
N SER B 257 -32.56 28.77 20.70
CA SER B 257 -32.58 27.92 21.90
C SER B 257 -31.71 26.66 21.82
N CYS B 258 -30.41 26.87 21.96
CA CYS B 258 -29.43 25.79 21.88
C CYS B 258 -29.31 25.03 23.19
#